data_8IXV
#
_entry.id   8IXV
#
_cell.length_a   45.774
_cell.length_b   61.944
_cell.length_c   75.405
_cell.angle_alpha   90.000
_cell.angle_beta   90.000
_cell.angle_gamma   90.000
#
_symmetry.space_group_name_H-M   'P 21 21 21'
#
loop_
_entity.id
_entity.type
_entity.pdbx_description
1 polymer 'Butyrophilin subfamily 3 member A1'
2 non-polymer DI(HYDROXYETHYL)ETHER
3 non-polymer 1,2-ETHANEDIOL
4 non-polymer '[bis(chloranyl)-[[(E)-3-methyl-4-oxidanyl-but-2-enoxy]-oxidanyl-phosphoryl]methyl]phosphonic acid'
5 water water
#
_entity_poly.entity_id   1
_entity_poly.type   'polypeptide(L)'
_entity_poly.pdbx_seq_one_letter_code
;MGAYNEWKKALFKPADVILDPKTANPILLVSEDQRSVQRAKEPQDLPDNPERFNWHYCVLGCESFISGRHYWEVEVGDRK
EWHIGVCSKNVQRKGWVKMTPENGFWTMGLTDGNKYRTLTEPRTNLKLPKPPKKVGVFLDYETGDISFYNAVDGSHIHTF
LDVSFSEALYPVFRILTLEPTALTICPALEHHHHHH
;
_entity_poly.pdbx_strand_id   A
#
# COMPACT_ATOMS: atom_id res chain seq x y z
N GLY A 2 -5.82 18.57 -8.41
CA GLY A 2 -5.94 20.01 -8.52
C GLY A 2 -5.02 20.80 -7.60
N ALA A 3 -5.33 22.08 -7.42
CA ALA A 3 -4.42 22.95 -6.66
C ALA A 3 -4.28 22.49 -5.22
N TYR A 4 -5.34 21.90 -4.65
CA TYR A 4 -5.25 21.41 -3.28
C TYR A 4 -4.24 20.25 -3.18
N ASN A 5 -4.34 19.29 -4.10
CA ASN A 5 -3.37 18.19 -4.14
C ASN A 5 -1.95 18.72 -4.30
N GLU A 6 -1.77 19.76 -5.14
CA GLU A 6 -0.46 20.36 -5.30
C GLU A 6 0.03 21.02 -4.01
N TRP A 7 -0.87 21.73 -3.30
CA TRP A 7 -0.54 22.25 -1.98
C TRP A 7 -0.08 21.15 -1.04
N LYS A 8 -0.79 20.01 -1.05
CA LYS A 8 -0.48 18.95 -0.12
C LYS A 8 0.88 18.32 -0.43
N LYS A 9 1.16 18.09 -1.70
CA LYS A 9 2.45 17.50 -2.09
C LYS A 9 3.60 18.41 -1.74
N ALA A 10 3.38 19.73 -1.72
CA ALA A 10 4.43 20.66 -1.32
C ALA A 10 4.65 20.64 0.19
N LEU A 11 3.59 20.45 0.98
CA LEU A 11 3.72 20.41 2.42
C LEU A 11 4.29 19.09 2.90
N PHE A 12 3.78 17.97 2.36
CA PHE A 12 4.13 16.65 2.85
C PHE A 12 5.52 16.27 2.35
N LYS A 13 6.25 15.53 3.18
CA LYS A 13 7.63 15.17 2.83
C LYS A 13 7.63 13.97 1.89
N PRO A 14 8.29 14.06 0.74
CA PRO A 14 8.31 12.91 -0.18
C PRO A 14 9.15 11.80 0.42
N ALA A 15 8.57 10.61 0.54
CA ALA A 15 9.25 9.49 1.16
C ALA A 15 9.87 8.62 0.07
N ASP A 16 11.06 8.10 0.34
CA ASP A 16 11.72 7.19 -0.58
C ASP A 16 11.50 5.78 -0.02
N VAL A 17 10.59 5.04 -0.64
CA VAL A 17 10.15 3.77 -0.12
C VAL A 17 10.84 2.66 -0.90
N ILE A 18 11.44 1.72 -0.18
CA ILE A 18 12.00 0.51 -0.78
C ILE A 18 11.42 -0.69 -0.07
N LEU A 19 11.16 -1.74 -0.85
CA LEU A 19 10.52 -2.93 -0.31
C LEU A 19 11.50 -3.71 0.55
N ASP A 20 11.00 -4.29 1.64
CA ASP A 20 11.79 -5.11 2.55
C ASP A 20 11.59 -6.59 2.22
N PRO A 21 12.54 -7.25 1.56
CA PRO A 21 12.32 -8.66 1.17
C PRO A 21 12.13 -9.61 2.35
N LYS A 22 12.61 -9.27 3.54
CA LYS A 22 12.42 -10.12 4.71
C LYS A 22 10.96 -10.18 5.17
N THR A 23 10.14 -9.22 4.76
CA THR A 23 8.73 -9.19 5.14
C THR A 23 7.82 -9.87 4.12
N ALA A 24 8.31 -10.10 2.91
CA ALA A 24 7.45 -10.48 1.79
C ALA A 24 7.03 -11.93 1.90
N ASN A 25 5.73 -12.18 1.77
CA ASN A 25 5.23 -13.54 1.62
C ASN A 25 6.07 -14.29 0.58
N PRO A 26 6.38 -15.56 0.80
CA PRO A 26 7.27 -16.29 -0.14
C PRO A 26 6.78 -16.36 -1.56
N ILE A 27 5.49 -16.16 -1.82
CA ILE A 27 4.98 -16.17 -3.18
C ILE A 27 5.30 -14.88 -3.92
N LEU A 28 5.82 -13.87 -3.24
CA LEU A 28 6.13 -12.59 -3.86
C LEU A 28 7.57 -12.57 -4.36
N LEU A 29 7.77 -11.88 -5.46
CA LEU A 29 9.09 -11.60 -6.03
C LEU A 29 9.38 -10.14 -5.75
N VAL A 30 10.44 -9.84 -4.99
CA VAL A 30 10.86 -8.47 -4.78
C VAL A 30 12.02 -8.18 -5.70
N SER A 31 11.93 -7.07 -6.45
CA SER A 31 12.97 -6.77 -7.44
C SER A 31 14.31 -6.46 -6.77
N GLU A 32 15.39 -6.60 -7.56
CA GLU A 32 16.71 -6.37 -6.98
C GLU A 32 16.91 -4.91 -6.56
N ASP A 33 16.28 -3.95 -7.25
CA ASP A 33 16.39 -2.58 -6.76
C ASP A 33 15.38 -2.29 -5.65
N GLN A 34 14.58 -3.29 -5.28
CA GLN A 34 13.62 -3.21 -4.18
C GLN A 34 12.54 -2.18 -4.41
N ARG A 35 12.29 -1.84 -5.68
CA ARG A 35 11.20 -0.91 -6.00
C ARG A 35 9.96 -1.61 -6.54
N SER A 36 10.09 -2.86 -7.01
CA SER A 36 8.98 -3.53 -7.68
C SER A 36 8.66 -4.83 -6.97
N VAL A 37 7.38 -5.21 -7.04
CA VAL A 37 6.95 -6.50 -6.54
C VAL A 37 6.08 -7.19 -7.60
N GLN A 38 6.27 -8.50 -7.72
CA GLN A 38 5.55 -9.35 -8.66
C GLN A 38 5.18 -10.62 -7.91
N ARG A 39 4.27 -11.41 -8.48
CA ARG A 39 3.87 -12.67 -7.85
C ARG A 39 4.47 -13.84 -8.63
N ALA A 40 5.07 -14.78 -7.89
CA ALA A 40 5.60 -16.01 -8.47
C ALA A 40 4.49 -17.04 -8.68
N LYS A 41 4.77 -18.01 -9.56
CA LYS A 41 3.87 -19.14 -9.72
C LYS A 41 3.77 -19.95 -8.43
N GLU A 42 4.91 -20.22 -7.80
CA GLU A 42 5.01 -21.01 -6.58
C GLU A 42 5.83 -20.28 -5.53
N PRO A 43 5.58 -20.55 -4.26
CA PRO A 43 6.34 -19.90 -3.19
C PRO A 43 7.83 -20.19 -3.30
N GLN A 44 8.62 -19.19 -2.96
CA GLN A 44 10.05 -19.34 -2.83
C GLN A 44 10.37 -20.08 -1.54
N ASP A 45 11.55 -20.71 -1.52
CA ASP A 45 12.06 -21.41 -0.34
C ASP A 45 12.75 -20.37 0.53
N LEU A 46 12.00 -19.79 1.46
CA LEU A 46 12.49 -18.77 2.36
C LEU A 46 12.19 -19.15 3.80
N PRO A 47 12.95 -18.61 4.75
CA PRO A 47 12.63 -18.86 6.16
C PRO A 47 11.27 -18.27 6.52
N ASP A 48 10.69 -18.78 7.60
CA ASP A 48 9.50 -18.17 8.18
C ASP A 48 9.89 -17.28 9.36
N ASN A 49 10.80 -16.35 9.10
CA ASN A 49 11.25 -15.40 10.10
C ASN A 49 10.07 -14.55 10.57
N PRO A 50 10.17 -13.96 11.78
CA PRO A 50 8.99 -13.32 12.38
C PRO A 50 8.45 -12.15 11.58
N GLU A 51 9.31 -11.46 10.83
CA GLU A 51 8.89 -10.30 10.05
C GLU A 51 8.08 -10.67 8.81
N ARG A 52 8.06 -11.93 8.39
CA ARG A 52 7.48 -12.33 7.11
C ARG A 52 5.99 -12.62 7.23
N PHE A 53 5.21 -12.03 6.34
CA PHE A 53 3.80 -12.40 6.18
C PHE A 53 3.72 -13.82 5.65
N ASN A 54 3.06 -14.72 6.39
CA ASN A 54 3.06 -16.11 5.98
C ASN A 54 1.74 -16.56 5.38
N TRP A 55 0.73 -15.70 5.34
CA TRP A 55 -0.57 -16.02 4.78
C TRP A 55 -0.95 -14.99 3.72
N HIS A 56 -1.04 -13.73 4.14
CA HIS A 56 -1.33 -12.65 3.21
C HIS A 56 -0.16 -12.43 2.28
N TYR A 57 -0.47 -12.12 1.02
CA TYR A 57 0.54 -11.87 -0.01
C TYR A 57 1.02 -10.41 0.04
N CYS A 58 1.59 -10.06 1.18
CA CYS A 58 1.96 -8.69 1.49
C CYS A 58 3.47 -8.54 1.62
N VAL A 59 3.95 -7.31 1.39
CA VAL A 59 5.32 -6.92 1.67
C VAL A 59 5.27 -5.49 2.21
N LEU A 60 6.21 -5.17 3.12
CA LEU A 60 6.29 -3.84 3.72
C LEU A 60 7.47 -3.06 3.15
N GLY A 61 7.39 -1.74 3.28
CA GLY A 61 8.58 -0.92 3.11
C GLY A 61 9.59 -1.17 4.22
N CYS A 62 10.82 -0.73 3.98
CA CYS A 62 11.90 -0.90 4.94
C CYS A 62 11.81 0.07 6.11
N GLU A 63 11.28 1.27 5.89
CA GLU A 63 11.25 2.28 6.93
C GLU A 63 9.80 2.56 7.34
N SER A 64 9.60 2.81 8.62
CA SER A 64 8.28 3.15 9.13
C SER A 64 8.24 4.61 9.55
N PHE A 65 7.02 5.08 9.81
CA PHE A 65 6.79 6.47 10.21
C PHE A 65 6.11 6.50 11.58
N ILE A 66 6.60 7.37 12.47
CA ILE A 66 5.97 7.59 13.76
C ILE A 66 5.55 9.04 13.97
N SER A 67 5.78 9.89 12.98
CA SER A 67 5.47 11.31 13.08
C SER A 67 5.54 11.90 11.69
N GLY A 68 4.91 13.06 11.54
CA GLY A 68 5.11 13.89 10.36
C GLY A 68 4.15 13.61 9.23
N ARG A 69 4.37 14.35 8.14
CA ARG A 69 3.57 14.27 6.92
C ARG A 69 4.42 13.73 5.78
N HIS A 70 3.96 12.67 5.13
CA HIS A 70 4.75 11.93 4.16
C HIS A 70 3.88 11.51 2.99
N TYR A 71 4.50 11.35 1.82
CA TYR A 71 3.75 10.83 0.69
C TYR A 71 4.68 10.06 -0.23
N TRP A 72 4.09 9.10 -0.94
CA TRP A 72 4.81 8.36 -1.96
C TRP A 72 3.81 7.96 -3.04
N GLU A 73 4.34 7.60 -4.21
CA GLU A 73 3.51 7.28 -5.35
C GLU A 73 3.93 5.91 -5.90
N VAL A 74 2.94 5.17 -6.38
CA VAL A 74 3.10 3.79 -6.79
C VAL A 74 2.49 3.63 -8.18
N GLU A 75 3.28 3.09 -9.11
CA GLU A 75 2.77 2.80 -10.44
C GLU A 75 2.09 1.44 -10.41
N VAL A 76 0.76 1.46 -10.52
CA VAL A 76 -0.02 0.23 -10.63
C VAL A 76 -0.26 -0.13 -12.08
N GLY A 77 -0.10 0.82 -13.00
CA GLY A 77 -0.28 0.58 -14.42
C GLY A 77 -1.59 -0.09 -14.72
N ASP A 78 -1.52 -1.09 -15.61
CA ASP A 78 -2.67 -1.85 -16.05
C ASP A 78 -2.90 -3.09 -15.21
N ARG A 79 -2.21 -3.25 -14.08
CA ARG A 79 -2.40 -4.45 -13.28
C ARG A 79 -3.85 -4.58 -12.84
N LYS A 80 -4.39 -5.79 -12.98
CA LYS A 80 -5.81 -6.02 -12.75
C LYS A 80 -6.17 -6.24 -11.28
N GLU A 81 -5.18 -6.40 -10.41
CA GLU A 81 -5.44 -6.63 -8.99
C GLU A 81 -4.25 -6.10 -8.20
N TRP A 82 -4.54 -5.37 -7.12
CA TRP A 82 -3.51 -4.83 -6.25
C TRP A 82 -4.18 -4.14 -5.09
N HIS A 83 -3.56 -4.15 -3.91
CA HIS A 83 -3.98 -3.28 -2.81
C HIS A 83 -2.74 -2.69 -2.15
N ILE A 84 -2.81 -1.40 -1.81
CA ILE A 84 -1.68 -0.70 -1.19
C ILE A 84 -2.21 0.21 -0.09
N GLY A 85 -1.30 0.63 0.78
CA GLY A 85 -1.64 1.62 1.79
C GLY A 85 -0.58 1.61 2.89
N VAL A 86 -1.02 1.64 4.14
CA VAL A 86 -0.13 1.59 5.30
C VAL A 86 -0.68 0.57 6.29
N CYS A 87 0.21 0.06 7.14
CA CYS A 87 -0.24 -0.76 8.25
C CYS A 87 0.64 -0.54 9.47
N SER A 88 0.08 -0.87 10.63
CA SER A 88 0.81 -0.76 11.89
C SER A 88 1.94 -1.78 11.96
N LYS A 89 2.99 -1.39 12.67
CA LYS A 89 4.11 -2.31 12.87
C LYS A 89 3.67 -3.62 13.50
N ASN A 90 2.64 -3.61 14.33
CA ASN A 90 2.26 -4.79 15.08
C ASN A 90 1.10 -5.57 14.47
N VAL A 91 0.83 -5.41 13.16
CA VAL A 91 -0.22 -6.22 12.55
C VAL A 91 0.10 -7.70 12.66
N GLN A 92 -0.95 -8.51 12.61
CA GLN A 92 -0.80 -9.97 12.62
C GLN A 92 -0.20 -10.44 11.30
N ARG A 93 1.06 -10.88 11.33
CA ARG A 93 1.70 -11.35 10.11
C ARG A 93 1.63 -12.86 9.93
N LYS A 94 1.32 -13.61 10.99
CA LYS A 94 1.24 -15.06 10.92
C LYS A 94 -0.23 -15.48 11.02
N GLY A 95 -0.72 -16.19 10.02
CA GLY A 95 -2.12 -16.56 9.93
C GLY A 95 -2.98 -15.44 9.37
N TRP A 96 -4.14 -15.82 8.84
CA TRP A 96 -5.02 -14.84 8.22
C TRP A 96 -5.57 -13.86 9.24
N VAL A 97 -5.67 -12.60 8.85
CA VAL A 97 -6.47 -11.62 9.55
C VAL A 97 -7.13 -10.75 8.50
N LYS A 98 -8.33 -10.25 8.78
CA LYS A 98 -8.96 -9.39 7.78
C LYS A 98 -8.23 -8.05 7.77
N MET A 99 -7.82 -7.58 6.58
CA MET A 99 -7.11 -6.32 6.51
C MET A 99 -8.11 -5.17 6.65
N THR A 100 -8.20 -4.61 7.85
CA THR A 100 -9.16 -3.57 8.19
C THR A 100 -8.47 -2.55 9.08
N PRO A 101 -9.01 -1.32 9.16
CA PRO A 101 -8.45 -0.33 10.09
C PRO A 101 -8.38 -0.83 11.53
N GLU A 102 -9.43 -1.50 12.02
CA GLU A 102 -9.39 -2.01 13.40
C GLU A 102 -8.29 -3.04 13.60
N ASN A 103 -7.91 -3.75 12.54
CA ASN A 103 -6.78 -4.67 12.62
C ASN A 103 -5.47 -4.02 12.17
N GLY A 104 -5.46 -2.70 11.97
CA GLY A 104 -4.23 -1.96 11.74
C GLY A 104 -3.79 -1.86 10.30
N PHE A 105 -4.71 -1.98 9.34
CA PHE A 105 -4.42 -1.83 7.92
C PHE A 105 -5.30 -0.72 7.35
N TRP A 106 -4.70 0.21 6.62
CA TRP A 106 -5.42 1.30 5.96
C TRP A 106 -5.06 1.23 4.49
N THR A 107 -5.86 0.51 3.71
CA THR A 107 -5.48 0.14 2.36
C THR A 107 -6.68 0.24 1.43
N MET A 108 -6.38 0.32 0.15
CA MET A 108 -7.39 0.33 -0.90
C MET A 108 -6.78 -0.30 -2.15
N GLY A 109 -7.64 -0.64 -3.10
CA GLY A 109 -7.10 -1.22 -4.32
C GLY A 109 -8.16 -1.73 -5.26
N LEU A 110 -7.72 -2.66 -6.11
CA LEU A 110 -8.46 -3.09 -7.29
C LEU A 110 -8.55 -4.60 -7.31
N THR A 111 -9.70 -5.12 -7.73
CA THR A 111 -9.87 -6.55 -7.97
C THR A 111 -10.60 -6.76 -9.29
N ASP A 112 -10.24 -7.84 -9.99
CA ASP A 112 -10.96 -8.27 -11.18
C ASP A 112 -10.99 -7.16 -12.23
N GLY A 113 -9.91 -6.40 -12.33
CA GLY A 113 -9.78 -5.43 -13.40
C GLY A 113 -10.48 -4.12 -13.20
N ASN A 114 -11.67 -4.12 -12.57
CA ASN A 114 -12.44 -2.88 -12.49
C ASN A 114 -13.24 -2.72 -11.20
N LYS A 115 -13.01 -3.52 -10.17
CA LYS A 115 -13.69 -3.36 -8.88
C LYS A 115 -12.73 -2.67 -7.91
N TYR A 116 -12.88 -1.36 -7.74
CA TYR A 116 -12.11 -0.61 -6.75
C TYR A 116 -12.80 -0.65 -5.40
N ARG A 117 -12.02 -0.91 -4.36
CA ARG A 117 -12.56 -1.01 -3.00
C ARG A 117 -11.63 -0.30 -2.03
N THR A 118 -12.20 0.26 -0.98
CA THR A 118 -11.41 0.58 0.20
C THR A 118 -11.59 -0.55 1.19
N LEU A 119 -10.47 -0.99 1.81
CA LEU A 119 -10.53 -2.17 2.67
C LEU A 119 -10.90 -1.76 4.09
N THR A 120 -12.04 -1.10 4.16
CA THR A 120 -12.76 -0.83 5.39
C THR A 120 -13.52 -2.07 5.85
N GLU A 121 -14.12 -1.97 7.03
CA GLU A 121 -15.01 -3.02 7.52
C GLU A 121 -16.42 -2.46 7.74
N PRO A 122 -17.41 -2.88 6.95
CA PRO A 122 -17.31 -3.72 5.75
C PRO A 122 -16.56 -3.01 4.63
N ARG A 123 -16.12 -3.73 3.61
CA ARG A 123 -15.47 -3.11 2.47
C ARG A 123 -16.41 -2.11 1.81
N THR A 124 -15.82 -1.04 1.27
CA THR A 124 -16.55 0.01 0.56
C THR A 124 -16.18 -0.04 -0.91
N ASN A 125 -17.17 -0.05 -1.78
CA ASN A 125 -16.87 0.02 -3.21
C ASN A 125 -16.67 1.48 -3.61
N LEU A 126 -15.65 1.71 -4.42
CA LEU A 126 -15.30 3.05 -4.87
C LEU A 126 -15.72 3.29 -6.30
N LYS A 127 -16.20 4.50 -6.55
CA LYS A 127 -16.65 4.90 -7.88
C LYS A 127 -15.61 5.88 -8.42
N LEU A 128 -14.65 5.34 -9.20
CA LEU A 128 -13.59 6.20 -9.71
C LEU A 128 -13.87 6.57 -11.16
N PRO A 129 -13.81 7.86 -11.50
CA PRO A 129 -14.19 8.28 -12.86
C PRO A 129 -13.24 7.75 -13.92
N LYS A 130 -11.95 7.62 -13.61
CA LYS A 130 -11.02 6.96 -14.51
C LYS A 130 -10.15 6.01 -13.71
N PRO A 131 -9.71 4.91 -14.30
CA PRO A 131 -8.83 3.99 -13.59
C PRO A 131 -7.47 4.60 -13.36
N PRO A 132 -7.01 4.68 -12.12
CA PRO A 132 -5.68 5.25 -11.85
C PRO A 132 -4.56 4.35 -12.32
N LYS A 133 -3.52 4.97 -12.89
CA LYS A 133 -2.31 4.25 -13.27
C LYS A 133 -1.15 4.50 -12.33
N LYS A 134 -1.11 5.66 -11.66
CA LYS A 134 -0.19 5.95 -10.56
C LYS A 134 -1.02 6.42 -9.39
N VAL A 135 -0.76 5.87 -8.21
CA VAL A 135 -1.57 6.14 -7.02
C VAL A 135 -0.66 6.73 -5.96
N GLY A 136 -1.04 7.90 -5.44
CA GLY A 136 -0.31 8.52 -4.37
C GLY A 136 -0.93 8.23 -3.01
N VAL A 137 -0.08 8.10 -2.01
CA VAL A 137 -0.48 7.85 -0.64
C VAL A 137 0.02 9.00 0.22
N PHE A 138 -0.90 9.75 0.84
CA PHE A 138 -0.59 10.74 1.87
C PHE A 138 -0.75 10.13 3.27
N LEU A 139 0.25 10.36 4.12
CA LEU A 139 0.21 10.00 5.54
C LEU A 139 0.50 11.23 6.37
N ASP A 140 -0.46 11.64 7.20
CA ASP A 140 -0.27 12.72 8.17
C ASP A 140 -0.43 12.06 9.53
N TYR A 141 0.69 11.81 10.21
CA TYR A 141 0.64 10.97 11.39
C TYR A 141 -0.12 11.64 12.53
N GLU A 142 0.20 12.90 12.81
CA GLU A 142 -0.36 13.56 13.99
C GLU A 142 -1.86 13.81 13.85
N THR A 143 -2.32 14.12 12.65
CA THR A 143 -3.74 14.36 12.47
C THR A 143 -4.50 13.07 12.24
N GLY A 144 -3.83 12.02 11.77
CA GLY A 144 -4.50 10.75 11.54
C GLY A 144 -5.13 10.58 10.19
N ASP A 145 -4.63 11.28 9.17
CA ASP A 145 -5.20 11.19 7.83
C ASP A 145 -4.36 10.25 6.97
N ILE A 146 -5.03 9.31 6.28
CA ILE A 146 -4.44 8.53 5.20
C ILE A 146 -5.28 8.78 3.97
N SER A 147 -4.66 9.32 2.93
CA SER A 147 -5.38 9.70 1.72
C SER A 147 -4.75 9.03 0.52
N PHE A 148 -5.60 8.70 -0.45
CA PHE A 148 -5.18 8.13 -1.72
C PHE A 148 -5.65 9.04 -2.83
N TYR A 149 -4.78 9.24 -3.83
CA TYR A 149 -5.09 10.10 -4.96
C TYR A 149 -4.52 9.49 -6.24
N ASN A 150 -5.15 9.87 -7.36
CA ASN A 150 -4.59 9.60 -8.68
C ASN A 150 -3.40 10.52 -8.88
N ALA A 151 -2.19 9.94 -8.97
CA ALA A 151 -0.99 10.74 -8.95
C ALA A 151 -0.74 11.46 -10.28
N VAL A 152 -1.49 11.12 -11.33
CA VAL A 152 -1.30 11.79 -12.62
C VAL A 152 -2.12 13.08 -12.69
N ASP A 153 -3.42 12.99 -12.44
CA ASP A 153 -4.28 14.18 -12.51
C ASP A 153 -4.66 14.76 -11.15
N GLY A 154 -4.17 14.19 -10.04
CA GLY A 154 -4.40 14.73 -8.71
C GLY A 154 -5.79 14.50 -8.15
N SER A 155 -6.63 13.73 -8.83
CA SER A 155 -8.00 13.54 -8.39
C SER A 155 -8.06 12.60 -7.18
N HIS A 156 -9.14 12.73 -6.42
CA HIS A 156 -9.27 12.03 -5.16
C HIS A 156 -9.67 10.57 -5.37
N ILE A 157 -9.16 9.70 -4.51
CA ILE A 157 -9.57 8.29 -4.48
C ILE A 157 -10.28 7.94 -3.17
N HIS A 158 -9.59 8.08 -2.04
CA HIS A 158 -10.20 7.77 -0.74
C HIS A 158 -9.43 8.46 0.37
N THR A 159 -10.14 8.90 1.41
CA THR A 159 -9.50 9.39 2.63
C THR A 159 -10.01 8.63 3.83
N PHE A 160 -9.07 8.00 4.57
CA PHE A 160 -9.28 7.60 5.96
C PHE A 160 -9.05 8.84 6.84
N LEU A 161 -10.04 9.19 7.65
CA LEU A 161 -10.09 10.52 8.26
C LEU A 161 -9.93 10.40 9.78
N ASP A 162 -8.96 11.15 10.35
CA ASP A 162 -8.83 11.33 11.81
C ASP A 162 -8.65 10.01 12.56
N VAL A 163 -7.75 9.16 12.06
CA VAL A 163 -7.41 7.94 12.76
C VAL A 163 -6.52 8.26 13.96
N SER A 164 -6.68 7.51 15.04
CA SER A 164 -5.77 7.60 16.18
C SER A 164 -4.69 6.55 16.00
N PHE A 165 -3.50 6.98 15.57
CA PHE A 165 -2.38 6.05 15.48
C PHE A 165 -1.68 5.94 16.82
N SER A 166 -1.34 4.71 17.19
CA SER A 166 -0.55 4.46 18.39
C SER A 166 0.72 3.65 18.11
N GLU A 167 1.01 3.33 16.86
CA GLU A 167 2.17 2.52 16.49
C GLU A 167 2.86 3.16 15.29
N ALA A 168 4.10 2.74 15.05
CA ALA A 168 4.76 3.08 13.78
C ALA A 168 3.99 2.46 12.62
N LEU A 169 4.09 3.11 11.45
CA LEU A 169 3.33 2.73 10.28
C LEU A 169 4.26 2.44 9.12
N TYR A 170 4.02 1.32 8.43
CA TYR A 170 4.78 0.91 7.27
C TYR A 170 3.94 1.03 6.01
N PRO A 171 4.50 1.46 4.88
CA PRO A 171 3.86 1.20 3.59
C PRO A 171 3.67 -0.30 3.41
N VAL A 172 2.53 -0.69 2.85
CA VAL A 172 2.23 -2.09 2.64
C VAL A 172 1.66 -2.26 1.25
N PHE A 173 1.95 -3.42 0.65
CA PHE A 173 1.60 -3.75 -0.72
C PHE A 173 1.12 -5.19 -0.77
N ARG A 174 0.04 -5.44 -1.50
CA ARG A 174 -0.54 -6.78 -1.61
C ARG A 174 -0.93 -7.10 -3.04
N ILE A 175 -0.49 -8.25 -3.57
CA ILE A 175 -0.91 -8.67 -4.90
C ILE A 175 -1.21 -10.16 -4.90
N LEU A 176 -2.33 -10.54 -5.53
CA LEU A 176 -2.84 -11.90 -5.45
C LEU A 176 -2.72 -12.67 -6.76
N THR A 177 -2.70 -11.97 -7.90
CA THR A 177 -2.85 -12.58 -9.21
C THR A 177 -1.52 -12.84 -9.91
N LEU A 178 -1.55 -13.82 -10.81
CA LEU A 178 -0.48 -14.09 -11.76
C LEU A 178 -0.74 -13.29 -13.01
N GLU A 179 0.05 -12.25 -13.25
CA GLU A 179 -0.12 -11.40 -14.42
C GLU A 179 1.17 -10.62 -14.63
N PRO A 180 1.42 -10.14 -15.85
CA PRO A 180 2.78 -9.65 -16.18
C PRO A 180 3.11 -8.27 -15.64
N THR A 181 2.12 -7.41 -15.37
CA THR A 181 2.40 -6.07 -14.86
C THR A 181 2.78 -6.12 -13.39
N ALA A 182 3.91 -5.50 -13.05
CA ALA A 182 4.29 -5.43 -11.64
C ALA A 182 3.72 -4.18 -10.99
N LEU A 183 3.90 -4.09 -9.68
CA LEU A 183 3.75 -2.85 -8.93
C LEU A 183 5.13 -2.26 -8.74
N THR A 184 5.28 -0.97 -9.01
CA THR A 184 6.57 -0.31 -8.86
C THR A 184 6.40 0.99 -8.10
N ILE A 185 7.23 1.16 -7.08
CA ILE A 185 7.31 2.41 -6.33
C ILE A 185 8.02 3.45 -7.16
N CYS A 186 7.45 4.65 -7.25
CA CYS A 186 8.16 5.77 -7.87
C CYS A 186 9.19 6.35 -6.89
N PRO A 187 10.44 6.50 -7.30
CA PRO A 187 11.45 7.01 -6.37
C PRO A 187 11.19 8.47 -6.01
N ALA A 188 11.58 8.82 -4.80
CA ALA A 188 11.53 10.19 -4.32
C ALA A 188 12.52 11.04 -5.12
#